data_8Z2Y
#
_entry.id   8Z2Y
#
_cell.length_a   81.290
_cell.length_b   81.290
_cell.length_c   114.740
_cell.angle_alpha   90.00
_cell.angle_beta   90.00
_cell.angle_gamma   120.00
#
_symmetry.space_group_name_H-M   'P 32 2 1'
#
loop_
_entity.id
_entity.type
_entity.pdbx_description
1 polymer 'Glucan 1,3-beta-glucosidase A'
2 non-polymer 1,2-ETHANEDIOL
3 non-polymer GLYCEROL
4 non-polymer beta-D-glucopyranose
5 non-polymer 'CHLORIDE ION'
6 non-polymer 'SODIUM ION'
7 water water
#
_entity_poly.entity_id   1
_entity_poly.type   'polypeptide(L)'
_entity_poly.pdbx_seq_one_letter_code
;MLPLLLCIVPYCWSSRLDPRASSFDYNGEKVRGVNLGGWLVLEPWITPSIFDAAGAEAVDEWSLTKILGKEEAEARLSAH
WKSFVSAGDFQRMADAGLNHVRIPIGYWALGPLEGDPYVDGQLEYLDKAVEWAGAAGLKVLIDLHGAPGSQNGFDNSGRR
GAIQWQQGDTVEQTLDAFDLLAERYLGSDTVAAIEAINEPNIPGGVDQGKLQEYYGSVYGIVNKYNAGTSVVYGDGFLPV
ESWNGFKTEGSKVVMDTHHYHMFDNGLIAMDIDSHIDAVCQFAHQHLEASDKPVIVGEWTGAVTDCAKYLNGKGNGARYD
GSYAADKAIGDCSSLATGFVSKLSDEERSDMRRFIEAQLDAFELKSGWVFWTWKTEGAPGWDMSDLLEAGVFPTSPDDRE
FPKQCHHHHHH
;
_entity_poly.pdbx_strand_id   A
#
# COMPACT_ATOMS: atom_id res chain seq x y z
N PHE A 24 -18.78 -2.23 -7.27
CA PHE A 24 -17.84 -2.07 -8.40
C PHE A 24 -17.65 -3.44 -9.04
N ASP A 25 -17.64 -3.47 -10.37
CA ASP A 25 -17.51 -4.74 -11.09
C ASP A 25 -16.04 -5.11 -11.29
N TYR A 26 -15.46 -5.70 -10.25
CA TYR A 26 -14.07 -6.07 -10.28
C TYR A 26 -13.82 -7.15 -11.32
N ASN A 27 -14.83 -7.96 -11.63
CA ASN A 27 -14.65 -9.02 -12.60
C ASN A 27 -14.46 -8.44 -14.00
N GLY A 28 -15.11 -7.32 -14.33
CA GLY A 28 -15.22 -6.84 -15.70
C GLY A 28 -14.75 -5.41 -15.95
N GLU A 29 -14.38 -4.64 -14.92
CA GLU A 29 -13.96 -3.25 -15.07
C GLU A 29 -12.57 -3.09 -14.47
N LYS A 30 -11.77 -2.14 -14.97
CA LYS A 30 -10.41 -2.01 -14.49
C LYS A 30 -10.31 -1.01 -13.33
N VAL A 31 -9.72 -1.48 -12.23
CA VAL A 31 -9.33 -0.63 -11.11
C VAL A 31 -8.15 0.24 -11.55
N ARG A 32 -8.28 1.55 -11.32
CA ARG A 32 -7.22 2.49 -11.55
C ARG A 32 -7.13 3.33 -10.30
N GLY A 33 -6.14 3.13 -9.47
CA GLY A 33 -6.16 3.67 -8.12
C GLY A 33 -4.81 4.20 -7.67
N VAL A 34 -4.90 4.88 -6.53
CA VAL A 34 -3.71 5.23 -5.78
C VAL A 34 -3.94 4.90 -4.33
N ASN A 35 -2.85 4.68 -3.60
CA ASN A 35 -2.84 4.50 -2.16
C ASN A 35 -2.62 5.84 -1.47
N LEU A 36 -3.26 6.03 -0.31
CA LEU A 36 -2.90 7.06 0.63
C LEU A 36 -1.97 6.53 1.71
N GLY A 37 -0.82 6.02 1.27
CA GLY A 37 0.17 5.53 2.19
C GLY A 37 0.65 6.66 3.07
N GLY A 38 1.02 6.26 4.28
CA GLY A 38 1.65 7.19 5.19
C GLY A 38 0.73 8.20 5.84
N TRP A 39 -0.58 8.13 5.54
CA TRP A 39 -1.53 9.13 6.04
C TRP A 39 -2.02 8.72 7.43
N LEU A 40 -2.86 7.67 7.49
CA LEU A 40 -3.42 7.23 8.75
C LEU A 40 -2.61 6.14 9.43
N VAL A 41 -1.66 5.55 8.69
CA VAL A 41 -0.62 4.69 9.25
C VAL A 41 0.66 5.33 8.77
N LEU A 42 1.45 5.90 9.70
CA LEU A 42 2.63 6.65 9.31
C LEU A 42 3.77 5.67 9.00
N GLU A 43 4.61 6.05 8.05
CA GLU A 43 5.77 5.25 7.69
C GLU A 43 6.97 6.17 7.59
N PRO A 44 8.14 5.79 8.13
CA PRO A 44 9.32 6.66 8.08
C PRO A 44 9.69 7.14 6.69
N TRP A 45 9.68 6.27 5.68
CA TRP A 45 10.14 6.71 4.37
C TRP A 45 9.18 7.68 3.71
N ILE A 46 7.90 7.64 4.12
CA ILE A 46 6.89 8.49 3.48
C ILE A 46 6.92 9.87 4.08
N THR A 47 7.05 9.95 5.41
CA THR A 47 7.17 11.23 6.11
C THR A 47 8.36 11.21 7.07
N PRO A 48 9.61 11.19 6.55
CA PRO A 48 10.78 11.10 7.43
C PRO A 48 10.84 12.24 8.44
N SER A 49 10.39 13.45 8.09
CA SER A 49 10.54 14.57 8.99
C SER A 49 9.85 14.31 10.32
N ILE A 50 8.70 13.63 10.28
CA ILE A 50 7.93 13.46 11.50
C ILE A 50 8.67 12.53 12.45
N PHE A 51 9.24 11.45 11.90
CA PHE A 51 10.01 10.50 12.70
C PHE A 51 11.28 11.14 13.22
N ASP A 52 11.99 11.86 12.35
CA ASP A 52 13.24 12.44 12.73
C ASP A 52 13.07 13.52 13.79
N ALA A 53 11.93 14.19 13.83
CA ALA A 53 11.63 15.18 14.86
C ALA A 53 11.47 14.54 16.25
N ALA A 54 11.37 13.21 16.31
CA ALA A 54 11.31 12.48 17.57
C ALA A 54 12.59 11.66 17.83
N GLY A 55 13.63 11.84 17.04
CA GLY A 55 14.92 11.24 17.34
C GLY A 55 15.16 9.88 16.70
N ALA A 56 16.36 9.36 16.95
CA ALA A 56 16.85 8.19 16.26
C ALA A 56 16.00 6.96 16.56
N GLU A 57 15.36 6.92 17.72
CA GLU A 57 14.64 5.71 18.13
C GLU A 57 13.20 5.72 17.60
N ALA A 58 12.78 6.79 16.95
CA ALA A 58 11.44 6.82 16.37
C ALA A 58 11.54 6.21 14.98
N VAL A 59 11.18 4.92 14.89
CA VAL A 59 11.41 4.11 13.69
C VAL A 59 10.13 3.49 13.15
N ASP A 60 9.01 3.75 13.80
CA ASP A 60 7.71 3.22 13.39
C ASP A 60 6.67 3.97 14.20
N GLU A 61 5.38 3.79 13.87
CA GLU A 61 4.37 4.55 14.58
C GLU A 61 4.31 4.17 16.05
N TRP A 62 4.58 2.90 16.37
CA TRP A 62 4.62 2.45 17.74
CA TRP A 62 4.60 2.46 17.76
C TRP A 62 5.63 3.27 18.55
N SER A 63 6.88 3.26 18.07
CA SER A 63 7.95 3.92 18.80
C SER A 63 7.78 5.43 18.81
N LEU A 64 7.32 5.99 17.68
CA LEU A 64 7.06 7.43 17.58
C LEU A 64 6.09 7.85 18.67
N THR A 65 4.96 7.17 18.73
CA THR A 65 3.94 7.55 19.71
C THR A 65 4.42 7.28 21.14
N LYS A 66 5.20 6.21 21.34
CA LYS A 66 5.70 5.90 22.68
C LYS A 66 6.65 7.02 23.15
N ILE A 67 7.55 7.44 22.26
CA ILE A 67 8.53 8.47 22.59
C ILE A 67 7.82 9.78 22.91
N LEU A 68 6.81 10.12 22.13
CA LEU A 68 6.17 11.41 22.30
C LEU A 68 5.27 11.40 23.52
N GLY A 69 4.70 10.25 23.87
CA GLY A 69 3.65 10.19 24.87
C GLY A 69 2.29 10.54 24.26
N LYS A 70 1.22 10.24 24.98
CA LYS A 70 -0.10 10.27 24.38
C LYS A 70 -0.49 11.66 23.91
N GLU A 71 -0.32 12.68 24.77
CA GLU A 71 -0.80 14.00 24.44
C GLU A 71 -0.04 14.57 23.24
N GLU A 72 1.28 14.51 23.24
CA GLU A 72 2.08 15.08 22.17
C GLU A 72 1.94 14.23 20.90
N ALA A 73 1.80 12.90 21.02
CA ALA A 73 1.58 12.10 19.85
C ALA A 73 0.26 12.52 19.20
N GLU A 74 -0.80 12.66 19.99
CA GLU A 74 -2.07 13.09 19.40
C GLU A 74 -1.91 14.43 18.67
N ALA A 75 -1.16 15.36 19.30
CA ALA A 75 -0.94 16.67 18.70
C ALA A 75 -0.23 16.55 17.36
N ARG A 76 0.91 15.86 17.33
CA ARG A 76 1.72 15.84 16.13
C ARG A 76 1.08 14.99 15.04
N LEU A 77 0.54 13.81 15.42
CA LEU A 77 -0.05 12.94 14.41
C LEU A 77 -1.34 13.57 13.85
N SER A 78 -2.16 14.22 14.69
CA SER A 78 -3.37 14.86 14.18
C SER A 78 -3.04 16.05 13.26
N ALA A 79 -1.95 16.80 13.54
CA ALA A 79 -1.55 17.87 12.65
C ALA A 79 -1.29 17.27 11.28
N HIS A 80 -0.62 16.13 11.21
CA HIS A 80 -0.33 15.43 9.97
C HIS A 80 -1.61 14.87 9.32
N TRP A 81 -2.52 14.27 10.10
CA TRP A 81 -3.75 13.75 9.52
C TRP A 81 -4.50 14.86 8.77
N LYS A 82 -4.53 16.04 9.39
CA LYS A 82 -5.28 17.16 8.86
C LYS A 82 -4.60 17.79 7.66
N SER A 83 -3.27 17.92 7.65
CA SER A 83 -2.59 18.64 6.60
C SER A 83 -2.28 17.80 5.37
N PHE A 84 -2.13 16.49 5.55
CA PHE A 84 -1.58 15.62 4.51
C PHE A 84 -2.58 15.40 3.37
N VAL A 85 -3.89 15.48 3.66
CA VAL A 85 -4.91 15.12 2.70
C VAL A 85 -6.08 16.11 2.84
N SER A 86 -6.52 16.63 1.69
CA SER A 86 -7.72 17.46 1.59
C SER A 86 -8.58 16.93 0.48
N ALA A 87 -9.77 17.55 0.36
CA ALA A 87 -10.65 17.21 -0.76
C ALA A 87 -9.95 17.43 -2.10
N GLY A 88 -9.07 18.40 -2.15
CA GLY A 88 -8.36 18.70 -3.39
C GLY A 88 -7.44 17.58 -3.85
N ASP A 89 -6.90 16.80 -2.89
CA ASP A 89 -6.15 15.62 -3.28
C ASP A 89 -7.03 14.64 -4.06
N PHE A 90 -8.25 14.38 -3.55
CA PHE A 90 -9.16 13.49 -4.21
C PHE A 90 -9.56 14.00 -5.59
N GLN A 91 -9.79 15.30 -5.71
CA GLN A 91 -10.15 15.85 -7.01
C GLN A 91 -8.99 15.62 -8.00
N ARG A 92 -7.74 15.85 -7.55
CA ARG A 92 -6.57 15.65 -8.43
C ARG A 92 -6.50 14.18 -8.84
N MET A 93 -6.86 13.26 -7.95
CA MET A 93 -6.86 11.85 -8.29
C MET A 93 -7.87 11.57 -9.40
N ALA A 94 -9.08 12.10 -9.25
CA ALA A 94 -10.07 11.90 -10.29
C ALA A 94 -9.66 12.54 -11.61
N ASP A 95 -9.05 13.73 -11.57
CA ASP A 95 -8.59 14.37 -12.77
C ASP A 95 -7.53 13.55 -13.49
N ALA A 96 -6.78 12.74 -12.73
CA ALA A 96 -5.73 11.87 -13.26
C ALA A 96 -6.25 10.55 -13.82
N GLY A 97 -7.57 10.39 -13.90
CA GLY A 97 -8.15 9.21 -14.52
C GLY A 97 -8.35 8.06 -13.57
N LEU A 98 -8.22 8.30 -12.26
CA LEU A 98 -8.39 7.23 -11.29
C LEU A 98 -9.86 7.00 -10.98
N ASN A 99 -10.14 5.77 -10.52
CA ASN A 99 -11.46 5.42 -10.02
C ASN A 99 -11.47 4.89 -8.59
N HIS A 100 -10.29 4.67 -7.98
CA HIS A 100 -10.18 4.07 -6.66
C HIS A 100 -9.10 4.79 -5.85
N VAL A 101 -9.31 4.78 -4.53
CA VAL A 101 -8.29 5.19 -3.58
C VAL A 101 -8.26 4.13 -2.51
N ARG A 102 -7.05 3.52 -2.28
CA ARG A 102 -6.84 2.53 -1.25
C ARG A 102 -6.28 3.24 -0.04
N ILE A 103 -6.93 3.04 1.11
CA ILE A 103 -6.63 3.83 2.30
C ILE A 103 -6.26 2.93 3.46
N PRO A 104 -4.93 2.86 3.77
CA PRO A 104 -4.48 2.16 4.96
C PRO A 104 -5.01 2.77 6.24
N ILE A 105 -5.41 1.89 7.17
CA ILE A 105 -5.75 2.29 8.50
C ILE A 105 -5.29 1.19 9.45
N GLY A 106 -4.84 1.58 10.64
CA GLY A 106 -4.34 0.60 11.58
C GLY A 106 -5.40 0.15 12.56
N TYR A 107 -5.23 -0.99 13.18
CA TYR A 107 -6.24 -1.47 14.11
C TYR A 107 -6.46 -0.45 15.23
N TRP A 108 -5.40 0.25 15.61
CA TRP A 108 -5.44 1.15 16.74
C TRP A 108 -6.40 2.32 16.53
N ALA A 109 -6.73 2.66 15.28
CA ALA A 109 -7.70 3.69 15.02
C ALA A 109 -9.02 3.28 15.64
N LEU A 110 -9.30 1.98 15.77
CA LEU A 110 -10.56 1.48 16.26
C LEU A 110 -10.50 1.18 17.74
N GLY A 111 -9.39 1.57 18.39
CA GLY A 111 -9.24 1.41 19.83
C GLY A 111 -7.86 0.84 20.15
N PRO A 112 -6.92 1.63 20.65
CA PRO A 112 -5.63 1.07 21.08
C PRO A 112 -5.86 0.03 22.14
N LEU A 113 -5.05 -1.03 22.12
CA LEU A 113 -5.16 -2.04 23.15
C LEU A 113 -4.44 -1.57 24.42
N GLU A 114 -4.70 -2.26 25.50
CA GLU A 114 -4.08 -1.98 26.77
C GLU A 114 -2.57 -1.99 26.59
N GLY A 115 -1.97 -0.90 26.99
CA GLY A 115 -0.52 -0.77 26.89
C GLY A 115 0.01 -0.26 25.54
N ASP A 116 -0.85 -0.15 24.53
CA ASP A 116 -0.35 0.33 23.25
C ASP A 116 -0.01 1.79 23.41
N PRO A 117 1.08 2.27 22.78
CA PRO A 117 1.37 3.71 22.74
C PRO A 117 0.56 4.49 21.74
N TYR A 118 -0.02 3.78 20.79
CA TYR A 118 -0.74 4.38 19.70
C TYR A 118 -1.81 5.34 20.21
N VAL A 119 -2.02 6.39 19.42
CA VAL A 119 -3.17 7.27 19.61
C VAL A 119 -4.16 7.04 18.48
N ASP A 120 -5.41 7.38 18.79
CA ASP A 120 -6.51 7.30 17.83
C ASP A 120 -7.01 8.68 17.45
N GLY A 121 -8.08 8.70 16.66
CA GLY A 121 -8.56 9.92 16.05
C GLY A 121 -8.54 9.87 14.52
N GLN A 122 -7.97 8.81 13.94
CA GLN A 122 -7.89 8.67 12.50
C GLN A 122 -9.27 8.52 11.88
N LEU A 123 -10.23 7.91 12.60
CA LEU A 123 -11.53 7.62 11.97
C LEU A 123 -12.22 8.88 11.48
N GLU A 124 -12.09 9.99 12.20
CA GLU A 124 -12.67 11.24 11.72
C GLU A 124 -12.14 11.63 10.36
N TYR A 125 -10.86 11.34 10.11
CA TYR A 125 -10.22 11.67 8.85
C TYR A 125 -10.59 10.68 7.76
N LEU A 126 -10.70 9.40 8.11
CA LEU A 126 -11.17 8.44 7.12
C LEU A 126 -12.63 8.74 6.76
N ASP A 127 -13.45 9.22 7.71
CA ASP A 127 -14.81 9.67 7.40
C ASP A 127 -14.78 10.75 6.34
N LYS A 128 -13.90 11.74 6.52
CA LYS A 128 -13.77 12.79 5.54
C LYS A 128 -13.34 12.23 4.20
N ALA A 129 -12.38 11.32 4.18
CA ALA A 129 -11.93 10.76 2.91
C ALA A 129 -13.06 10.10 2.16
N VAL A 130 -13.93 9.37 2.85
CA VAL A 130 -15.06 8.73 2.17
C VAL A 130 -15.95 9.79 1.53
N GLU A 131 -16.19 10.88 2.25
CA GLU A 131 -17.02 11.97 1.72
C GLU A 131 -16.33 12.57 0.50
N TRP A 132 -15.04 12.89 0.63
CA TRP A 132 -14.31 13.58 -0.41
C TRP A 132 -14.13 12.70 -1.65
N ALA A 133 -13.86 11.42 -1.44
CA ALA A 133 -13.78 10.47 -2.54
C ALA A 133 -15.12 10.43 -3.30
N GLY A 134 -16.22 10.27 -2.56
CA GLY A 134 -17.54 10.25 -3.19
C GLY A 134 -17.77 11.50 -4.03
N ALA A 135 -17.42 12.67 -3.48
CA ALA A 135 -17.64 13.91 -4.19
C ALA A 135 -16.86 13.96 -5.51
N ALA A 136 -15.69 13.34 -5.51
CA ALA A 136 -14.83 13.31 -6.68
C ALA A 136 -15.14 12.13 -7.62
N GLY A 137 -16.11 11.29 -7.29
CA GLY A 137 -16.52 10.18 -8.12
C GLY A 137 -15.67 8.93 -7.98
N LEU A 138 -14.91 8.81 -6.88
CA LEU A 138 -13.99 7.72 -6.65
C LEU A 138 -14.61 6.68 -5.71
N LYS A 139 -14.19 5.45 -5.86
CA LYS A 139 -14.44 4.44 -4.85
C LYS A 139 -13.26 4.38 -3.88
N VAL A 140 -13.55 3.94 -2.66
CA VAL A 140 -12.54 3.71 -1.63
C VAL A 140 -12.47 2.23 -1.35
N LEU A 141 -11.21 1.75 -1.28
CA LEU A 141 -10.84 0.43 -0.75
C LEU A 141 -10.24 0.68 0.62
N ILE A 142 -10.97 0.32 1.68
CA ILE A 142 -10.44 0.45 3.02
C ILE A 142 -9.51 -0.74 3.28
N ASP A 143 -8.30 -0.45 3.79
CA ASP A 143 -7.28 -1.48 3.99
C ASP A 143 -6.85 -1.51 5.45
N LEU A 144 -7.22 -2.58 6.15
CA LEU A 144 -6.70 -2.77 7.51
C LEU A 144 -5.23 -3.15 7.39
N HIS A 145 -4.36 -2.15 7.67
CA HIS A 145 -2.95 -2.20 7.29
C HIS A 145 -2.06 -2.68 8.42
N GLY A 146 -2.56 -2.68 9.65
CA GLY A 146 -1.79 -3.11 10.80
C GLY A 146 -2.67 -3.85 11.77
N ALA A 147 -2.23 -5.03 12.21
CA ALA A 147 -2.98 -5.88 13.11
C ALA A 147 -2.26 -6.03 14.43
N PRO A 148 -2.97 -6.31 15.53
CA PRO A 148 -2.28 -6.57 16.81
C PRO A 148 -1.18 -7.61 16.71
N GLY A 149 -0.03 -7.23 17.26
CA GLY A 149 1.15 -8.08 17.27
C GLY A 149 2.03 -7.95 16.05
N SER A 150 1.53 -7.32 14.99
CA SER A 150 2.17 -7.20 13.68
C SER A 150 2.06 -8.48 12.88
N GLN A 151 1.40 -8.35 11.74
CA GLN A 151 1.22 -9.44 10.81
C GLN A 151 2.41 -9.64 9.86
N ASN A 152 3.42 -8.75 9.97
CA ASN A 152 4.55 -8.87 9.04
C ASN A 152 5.92 -8.44 9.55
N GLY A 153 5.99 -7.77 10.68
CA GLY A 153 7.26 -7.26 11.18
C GLY A 153 7.76 -6.03 10.47
N PHE A 154 6.94 -5.43 9.57
CA PHE A 154 7.31 -4.23 8.87
C PHE A 154 6.97 -3.00 9.70
N ASP A 155 7.74 -1.94 9.54
CA ASP A 155 7.35 -0.67 10.18
C ASP A 155 5.93 -0.27 9.80
N ASN A 156 5.54 -0.55 8.55
CA ASN A 156 4.23 -0.12 8.05
C ASN A 156 3.09 -0.90 8.66
N SER A 157 3.31 -1.92 9.46
CA SER A 157 2.28 -2.57 10.26
C SER A 157 1.97 -1.78 11.53
N GLY A 158 2.80 -0.79 11.83
CA GLY A 158 2.77 -0.04 13.07
C GLY A 158 4.04 -0.25 13.89
N ARG A 159 4.47 -1.50 13.92
CA ARG A 159 5.61 -1.87 14.75
C ARG A 159 6.50 -2.84 14.01
N ARG A 160 7.73 -2.42 13.75
CA ARG A 160 8.68 -3.29 13.05
C ARG A 160 9.34 -4.27 14.02
N GLY A 161 9.76 -5.42 13.48
N GLY A 161 9.76 -5.41 13.49
CA GLY A 161 10.76 -6.22 14.13
CA GLY A 161 10.76 -6.22 14.13
C GLY A 161 10.41 -7.58 14.73
C GLY A 161 10.41 -7.58 14.73
N ALA A 162 9.19 -8.01 14.79
CA ALA A 162 8.76 -9.40 15.05
C ALA A 162 7.33 -9.51 14.50
N ILE A 163 6.98 -10.74 14.17
CA ILE A 163 5.60 -11.12 13.84
C ILE A 163 4.99 -11.83 15.02
N GLN A 164 4.10 -11.14 15.73
CA GLN A 164 3.38 -11.78 16.82
C GLN A 164 1.89 -11.92 16.54
N TRP A 165 1.41 -11.46 15.38
CA TRP A 165 0.04 -11.77 14.99
C TRP A 165 -0.09 -13.28 14.90
N GLN A 166 -1.24 -13.78 15.38
CA GLN A 166 -1.55 -15.21 15.54
C GLN A 166 -1.12 -15.74 16.90
N GLN A 167 -0.40 -14.93 17.70
CA GLN A 167 -0.14 -15.33 19.07
CA GLN A 167 -0.12 -15.32 19.07
C GLN A 167 -1.24 -14.78 19.96
N GLY A 168 -1.41 -15.44 21.10
CA GLY A 168 -2.33 -14.93 22.09
C GLY A 168 -3.71 -14.64 21.49
N ASP A 169 -4.29 -13.48 21.85
CA ASP A 169 -5.62 -13.10 21.41
C ASP A 169 -5.59 -12.15 20.23
N THR A 170 -4.45 -12.07 19.54
CA THR A 170 -4.28 -11.04 18.52
C THR A 170 -5.27 -11.19 17.36
N VAL A 171 -5.58 -12.40 16.93
CA VAL A 171 -6.50 -12.56 15.81
C VAL A 171 -7.90 -12.12 16.21
N GLU A 172 -8.37 -12.56 17.38
CA GLU A 172 -9.67 -12.11 17.84
C GLU A 172 -9.68 -10.58 17.90
N GLN A 173 -8.63 -9.95 18.39
CA GLN A 173 -8.58 -8.51 18.46
C GLN A 173 -8.61 -7.87 17.09
N THR A 174 -8.01 -8.53 16.12
CA THR A 174 -8.04 -8.05 14.75
C THR A 174 -9.46 -8.09 14.19
N LEU A 175 -10.15 -9.20 14.44
CA LEU A 175 -11.55 -9.31 14.00
C LEU A 175 -12.40 -8.30 14.72
N ASP A 176 -12.15 -8.02 16.01
CA ASP A 176 -12.94 -7.02 16.72
C ASP A 176 -12.81 -5.67 16.03
N ALA A 177 -11.61 -5.28 15.65
CA ALA A 177 -11.37 -4.00 14.98
C ALA A 177 -11.96 -4.01 13.57
N PHE A 178 -11.77 -5.12 12.87
CA PHE A 178 -12.29 -5.24 11.52
C PHE A 178 -13.82 -5.06 11.53
N ASP A 179 -14.47 -5.71 12.49
CA ASP A 179 -15.92 -5.63 12.60
C ASP A 179 -16.33 -4.17 12.77
N LEU A 180 -15.72 -3.41 13.67
CA LEU A 180 -16.11 -2.03 13.86
C LEU A 180 -15.85 -1.21 12.61
N LEU A 181 -14.75 -1.49 11.91
CA LEU A 181 -14.43 -0.78 10.68
C LEU A 181 -15.51 -1.02 9.62
N ALA A 182 -15.88 -2.28 9.47
CA ALA A 182 -16.90 -2.64 8.50
C ALA A 182 -18.25 -2.03 8.89
N GLU A 183 -18.55 -2.10 10.17
CA GLU A 183 -19.79 -1.53 10.66
C GLU A 183 -19.86 -0.03 10.38
N ARG A 184 -18.77 0.67 10.51
CA ARG A 184 -18.72 2.10 10.32
C ARG A 184 -18.92 2.51 8.86
N TYR A 185 -18.33 1.77 7.93
CA TYR A 185 -18.20 2.28 6.56
C TYR A 185 -19.02 1.54 5.51
N LEU A 186 -19.44 0.29 5.72
CA LEU A 186 -19.92 -0.46 4.58
C LEU A 186 -21.30 -0.05 4.12
N GLY A 187 -21.96 0.84 4.84
CA GLY A 187 -23.22 1.42 4.38
C GLY A 187 -23.07 2.37 3.21
N SER A 188 -21.87 2.83 2.93
CA SER A 188 -21.60 3.80 1.89
C SER A 188 -21.31 3.06 0.60
N ASP A 189 -21.97 3.41 -0.50
CA ASP A 189 -21.63 2.89 -1.80
C ASP A 189 -20.24 3.35 -2.26
N THR A 190 -19.69 4.42 -1.69
CA THR A 190 -18.32 4.83 -2.00
C THR A 190 -17.31 3.72 -1.63
N VAL A 191 -17.61 3.06 -0.55
CA VAL A 191 -16.70 2.02 -0.06
C VAL A 191 -17.02 0.73 -0.80
N ALA A 192 -16.30 0.49 -1.88
CA ALA A 192 -16.60 -0.61 -2.79
C ALA A 192 -16.00 -1.93 -2.30
N ALA A 193 -14.96 -1.84 -1.46
CA ALA A 193 -14.19 -3.04 -1.10
C ALA A 193 -13.45 -2.78 0.21
N ILE A 194 -13.15 -3.86 0.91
CA ILE A 194 -12.42 -3.77 2.17
C ILE A 194 -11.46 -4.95 2.22
N GLU A 195 -10.21 -4.62 2.63
CA GLU A 195 -9.11 -5.60 2.65
C GLU A 195 -8.90 -6.14 4.05
N ALA A 196 -8.85 -7.47 4.09
CA ALA A 196 -8.76 -8.20 5.35
C ALA A 196 -7.57 -7.76 6.20
N ILE A 197 -6.37 -7.74 5.61
CA ILE A 197 -5.14 -7.34 6.30
C ILE A 197 -4.06 -7.13 5.25
N ASN A 198 -3.31 -6.04 5.40
CA ASN A 198 -2.24 -5.79 4.46
C ASN A 198 -1.04 -6.71 4.69
N GLU A 199 -0.59 -7.34 3.61
CA GLU A 199 0.68 -8.06 3.61
C GLU A 199 0.85 -8.94 4.84
N PRO A 200 -0.01 -9.93 5.09
CA PRO A 200 0.29 -10.95 6.08
C PRO A 200 1.49 -11.74 5.54
N ASN A 201 2.52 -11.89 6.38
CA ASN A 201 3.81 -12.31 5.90
C ASN A 201 4.01 -13.82 6.07
N ILE A 202 3.50 -14.59 5.11
CA ILE A 202 3.58 -16.04 5.21
C ILE A 202 5.03 -16.51 5.27
N PRO A 203 5.91 -16.05 4.38
CA PRO A 203 7.29 -16.54 4.45
C PRO A 203 7.98 -16.09 5.72
N GLY A 204 7.53 -15.03 6.35
CA GLY A 204 8.02 -14.59 7.64
C GLY A 204 7.43 -15.30 8.83
N GLY A 205 6.49 -16.22 8.64
CA GLY A 205 6.00 -17.08 9.69
C GLY A 205 4.50 -16.99 9.97
N VAL A 206 3.74 -16.18 9.22
CA VAL A 206 2.29 -16.24 9.35
C VAL A 206 1.80 -17.60 8.81
N ASP A 207 1.02 -18.29 9.61
CA ASP A 207 0.49 -19.58 9.27
C ASP A 207 -0.64 -19.43 8.25
N GLN A 208 -0.55 -20.08 7.10
CA GLN A 208 -1.54 -19.93 6.06
C GLN A 208 -2.88 -20.51 6.47
N GLY A 209 -2.90 -21.63 7.16
CA GLY A 209 -4.18 -22.23 7.50
C GLY A 209 -4.94 -21.30 8.42
N LYS A 210 -4.25 -20.71 9.41
CA LYS A 210 -4.88 -19.75 10.30
C LYS A 210 -5.28 -18.50 9.54
N LEU A 211 -4.46 -18.06 8.60
CA LEU A 211 -4.78 -16.89 7.79
C LEU A 211 -6.09 -17.15 7.04
N GLN A 212 -6.24 -18.35 6.49
CA GLN A 212 -7.47 -18.66 5.76
C GLN A 212 -8.68 -18.63 6.67
N GLU A 213 -8.53 -19.05 7.93
CA GLU A 213 -9.61 -18.95 8.89
C GLU A 213 -9.97 -17.48 9.15
N TYR A 214 -8.97 -16.63 9.35
CA TYR A 214 -9.22 -15.19 9.47
C TYR A 214 -9.89 -14.63 8.24
N TYR A 215 -9.50 -15.09 7.06
CA TYR A 215 -10.14 -14.66 5.83
C TYR A 215 -11.61 -15.09 5.80
N GLY A 216 -11.93 -16.31 6.24
CA GLY A 216 -13.31 -16.71 6.29
C GLY A 216 -14.13 -15.85 7.22
N SER A 217 -13.57 -15.53 8.39
CA SER A 217 -14.26 -14.71 9.37
C SER A 217 -14.48 -13.30 8.82
N VAL A 218 -13.48 -12.74 8.16
CA VAL A 218 -13.64 -11.42 7.57
C VAL A 218 -14.78 -11.43 6.53
N TYR A 219 -14.84 -12.47 5.72
CA TYR A 219 -15.91 -12.58 4.73
C TYR A 219 -17.26 -12.54 5.42
N GLY A 220 -17.41 -13.28 6.50
CA GLY A 220 -18.66 -13.28 7.24
C GLY A 220 -19.00 -11.92 7.81
N ILE A 221 -18.03 -11.16 8.32
CA ILE A 221 -18.28 -9.84 8.85
C ILE A 221 -18.78 -8.92 7.75
N VAL A 222 -18.11 -8.95 6.59
CA VAL A 222 -18.49 -8.13 5.47
C VAL A 222 -19.94 -8.43 5.12
N ASN A 223 -20.31 -9.70 5.08
CA ASN A 223 -21.66 -10.07 4.69
C ASN A 223 -22.69 -9.77 5.77
N LYS A 224 -22.32 -9.67 7.04
CA LYS A 224 -23.26 -9.18 8.04
C LYS A 224 -23.71 -7.76 7.74
N TYR A 225 -22.82 -6.93 7.20
CA TYR A 225 -23.12 -5.51 7.03
C TYR A 225 -23.51 -5.14 5.60
N ASN A 226 -22.85 -5.69 4.60
CA ASN A 226 -23.17 -5.36 3.23
C ASN A 226 -22.61 -6.42 2.26
N ALA A 227 -23.47 -7.35 1.83
CA ALA A 227 -23.01 -8.41 0.94
C ALA A 227 -22.63 -7.85 -0.41
N GLY A 228 -22.98 -6.59 -0.71
CA GLY A 228 -22.53 -6.00 -1.97
C GLY A 228 -21.06 -5.60 -1.99
N THR A 229 -20.43 -5.51 -0.82
CA THR A 229 -19.08 -5.03 -0.73
C THR A 229 -18.10 -6.15 -1.07
N SER A 230 -17.09 -5.84 -1.89
CA SER A 230 -16.10 -6.86 -2.19
C SER A 230 -15.12 -7.00 -1.04
N VAL A 231 -14.66 -8.25 -0.88
CA VAL A 231 -13.66 -8.64 0.10
C VAL A 231 -12.33 -8.76 -0.63
N VAL A 232 -11.31 -8.07 -0.13
CA VAL A 232 -9.97 -8.11 -0.72
C VAL A 232 -9.02 -8.87 0.19
N TYR A 233 -8.34 -9.86 -0.41
CA TYR A 233 -7.37 -10.68 0.30
C TYR A 233 -6.00 -10.50 -0.32
N GLY A 234 -5.02 -10.11 0.52
CA GLY A 234 -3.62 -10.21 0.12
C GLY A 234 -3.21 -11.67 -0.08
N ASP A 235 -2.25 -11.87 -0.98
CA ASP A 235 -1.73 -13.20 -1.27
C ASP A 235 -0.66 -13.65 -0.27
N GLY A 236 -0.32 -12.81 0.69
CA GLY A 236 0.62 -13.22 1.72
C GLY A 236 2.03 -13.49 1.23
N PHE A 237 2.38 -12.93 0.06
CA PHE A 237 3.67 -13.09 -0.59
C PHE A 237 3.78 -14.45 -1.29
N LEU A 238 2.74 -15.27 -1.27
CA LEU A 238 2.72 -16.46 -2.10
C LEU A 238 2.32 -16.06 -3.50
N PRO A 239 2.65 -16.87 -4.52
CA PRO A 239 2.14 -16.58 -5.86
C PRO A 239 0.64 -16.39 -5.82
N VAL A 240 0.13 -15.40 -6.51
CA VAL A 240 -1.28 -15.11 -6.36
C VAL A 240 -2.15 -16.30 -6.80
N GLU A 241 -1.71 -17.00 -7.85
CA GLU A 241 -2.47 -18.15 -8.34
C GLU A 241 -2.47 -19.33 -7.36
N SER A 242 -1.62 -19.32 -6.35
CA SER A 242 -1.65 -20.37 -5.32
C SER A 242 -2.94 -20.30 -4.51
N TRP A 243 -3.60 -19.14 -4.54
CA TRP A 243 -4.87 -18.93 -3.89
C TRP A 243 -6.06 -19.41 -4.71
N ASN A 244 -5.81 -20.01 -5.87
CA ASN A 244 -6.89 -20.61 -6.64
C ASN A 244 -7.60 -21.66 -5.79
N GLY A 245 -8.92 -21.68 -5.89
CA GLY A 245 -9.76 -22.59 -5.13
C GLY A 245 -10.08 -22.16 -3.71
N PHE A 246 -9.68 -20.95 -3.37
CA PHE A 246 -10.05 -20.36 -2.09
C PHE A 246 -10.92 -19.12 -2.35
N LYS A 247 -12.18 -19.21 -1.91
CA LYS A 247 -13.15 -18.12 -1.98
C LYS A 247 -13.24 -17.54 -3.41
N THR A 248 -13.32 -18.43 -4.40
CA THR A 248 -13.45 -18.00 -5.78
C THR A 248 -14.88 -17.60 -6.09
N GLU A 249 -15.15 -16.32 -6.34
CA GLU A 249 -16.52 -15.83 -6.30
C GLU A 249 -16.71 -14.64 -7.27
N GLY A 250 -15.99 -14.58 -8.37
CA GLY A 250 -16.27 -13.52 -9.32
C GLY A 250 -15.89 -12.16 -8.71
N SER A 251 -16.73 -11.13 -8.87
CA SER A 251 -16.40 -9.80 -8.36
C SER A 251 -16.33 -9.73 -6.84
N LYS A 252 -16.90 -10.70 -6.12
CA LYS A 252 -17.06 -10.59 -4.69
C LYS A 252 -15.73 -10.64 -3.94
N VAL A 253 -14.78 -11.44 -4.42
CA VAL A 253 -13.55 -11.69 -3.69
C VAL A 253 -12.37 -11.37 -4.59
N VAL A 254 -11.60 -10.35 -4.23
CA VAL A 254 -10.56 -9.81 -5.08
C VAL A 254 -9.22 -10.08 -4.40
N MET A 255 -8.30 -10.70 -5.14
CA MET A 255 -6.94 -10.84 -4.60
C MET A 255 -6.17 -9.55 -4.79
N ASP A 256 -5.28 -9.28 -3.83
CA ASP A 256 -4.38 -8.15 -3.89
C ASP A 256 -2.94 -8.65 -3.89
N THR A 257 -2.26 -8.39 -5.01
CA THR A 257 -0.84 -8.73 -5.10
C THR A 257 -0.07 -7.44 -5.24
N HIS A 258 1.12 -7.42 -4.63
CA HIS A 258 1.98 -6.25 -4.65
C HIS A 258 3.20 -6.54 -5.51
N HIS A 259 3.49 -5.67 -6.47
CA HIS A 259 4.54 -5.92 -7.42
C HIS A 259 5.57 -4.80 -7.39
N TYR A 260 6.79 -5.14 -6.95
CA TYR A 260 7.87 -4.20 -6.75
C TYR A 260 9.16 -4.80 -7.30
N HIS A 261 10.07 -3.95 -7.79
CA HIS A 261 11.27 -4.46 -8.40
C HIS A 261 12.52 -4.12 -7.57
N MET A 262 12.42 -3.59 -6.36
CA MET A 262 13.62 -3.15 -5.64
C MET A 262 13.86 -3.91 -4.33
N PHE A 263 13.13 -5.02 -4.12
CA PHE A 263 13.29 -5.80 -2.90
C PHE A 263 13.81 -7.21 -3.20
N ASP A 264 14.26 -7.43 -4.43
CA ASP A 264 14.74 -8.71 -4.94
C ASP A 264 16.00 -8.45 -5.75
N ASN A 265 17.07 -9.23 -5.54
CA ASN A 265 18.33 -8.97 -6.21
C ASN A 265 18.26 -9.10 -7.72
N GLY A 266 17.49 -10.06 -8.19
CA GLY A 266 17.34 -10.29 -9.62
C GLY A 266 16.63 -9.12 -10.31
N LEU A 267 15.56 -8.64 -9.69
CA LEU A 267 14.82 -7.53 -10.29
C LEU A 267 15.62 -6.23 -10.21
N ILE A 268 16.27 -5.95 -9.09
CA ILE A 268 16.86 -4.65 -8.92
C ILE A 268 18.06 -4.48 -9.84
N ALA A 269 18.68 -5.58 -10.29
CA ALA A 269 19.82 -5.52 -11.19
C ALA A 269 19.43 -5.21 -12.62
N MET A 270 18.13 -5.16 -12.92
CA MET A 270 17.70 -5.12 -14.31
C MET A 270 17.87 -3.73 -14.90
N ASP A 271 18.12 -3.70 -16.21
CA ASP A 271 17.94 -2.46 -16.96
C ASP A 271 16.47 -2.26 -17.30
N ILE A 272 16.17 -1.13 -17.94
CA ILE A 272 14.80 -0.74 -18.20
C ILE A 272 14.07 -1.78 -19.04
N ASP A 273 14.70 -2.27 -20.10
CA ASP A 273 14.08 -3.26 -20.94
C ASP A 273 13.76 -4.53 -20.16
N SER A 274 14.69 -4.97 -19.33
CA SER A 274 14.48 -6.18 -18.54
C SER A 274 13.36 -5.95 -17.50
N HIS A 275 13.36 -4.78 -16.86
CA HIS A 275 12.27 -4.45 -15.95
C HIS A 275 10.92 -4.58 -16.64
N ILE A 276 10.79 -4.06 -17.86
CA ILE A 276 9.54 -4.10 -18.58
C ILE A 276 9.19 -5.54 -18.90
N ASP A 277 10.15 -6.32 -19.40
CA ASP A 277 9.87 -7.72 -19.67
C ASP A 277 9.38 -8.44 -18.41
N ALA A 278 9.96 -8.14 -17.23
CA ALA A 278 9.57 -8.83 -16.02
C ALA A 278 8.16 -8.45 -15.58
N VAL A 279 7.76 -7.21 -15.83
CA VAL A 279 6.38 -6.80 -15.63
C VAL A 279 5.42 -7.62 -16.50
N CYS A 280 5.74 -7.73 -17.79
CA CYS A 280 4.89 -8.52 -18.68
C CYS A 280 4.81 -9.98 -18.26
N GLN A 281 5.96 -10.56 -17.91
CA GLN A 281 6.00 -11.94 -17.48
C GLN A 281 5.13 -12.12 -16.24
N PHE A 282 5.22 -11.18 -15.29
CA PHE A 282 4.41 -11.24 -14.07
C PHE A 282 2.93 -11.25 -14.44
N ALA A 283 2.51 -10.38 -15.36
CA ALA A 283 1.12 -10.32 -15.74
C ALA A 283 0.67 -11.63 -16.38
N HIS A 284 1.48 -12.17 -17.27
CA HIS A 284 1.10 -13.36 -18.03
C HIS A 284 1.15 -14.60 -17.16
N GLN A 285 2.17 -14.72 -16.31
CA GLN A 285 2.37 -15.94 -15.55
C GLN A 285 1.66 -15.96 -14.22
N HIS A 286 1.34 -14.81 -13.64
CA HIS A 286 0.74 -14.75 -12.32
C HIS A 286 -0.65 -14.11 -12.36
N LEU A 287 -0.76 -12.88 -12.83
CA LEU A 287 -2.07 -12.24 -12.84
C LEU A 287 -3.07 -13.03 -13.67
N GLU A 288 -2.66 -13.45 -14.88
CA GLU A 288 -3.59 -14.17 -15.73
C GLU A 288 -3.79 -15.63 -15.29
N ALA A 289 -3.08 -16.06 -14.27
CA ALA A 289 -3.16 -17.45 -13.78
C ALA A 289 -4.17 -17.57 -12.62
N SER A 290 -4.64 -16.44 -12.10
CA SER A 290 -5.56 -16.42 -10.97
C SER A 290 -7.02 -16.63 -11.39
N ASP A 291 -7.75 -17.45 -10.63
CA ASP A 291 -9.15 -17.70 -10.84
C ASP A 291 -10.06 -16.63 -10.28
N LYS A 292 -9.53 -15.53 -9.77
CA LYS A 292 -10.27 -14.44 -9.20
C LYS A 292 -9.83 -13.16 -9.87
N PRO A 293 -10.62 -12.07 -9.71
CA PRO A 293 -10.06 -10.76 -9.99
C PRO A 293 -8.80 -10.59 -9.14
N VAL A 294 -7.81 -9.89 -9.69
CA VAL A 294 -6.57 -9.57 -8.99
C VAL A 294 -6.24 -8.13 -9.27
N ILE A 295 -6.16 -7.32 -8.23
CA ILE A 295 -5.59 -6.00 -8.38
C ILE A 295 -4.11 -6.09 -7.98
N VAL A 296 -3.31 -5.28 -8.69
CA VAL A 296 -1.96 -5.04 -8.22
C VAL A 296 -2.12 -3.83 -7.30
N GLY A 297 -2.37 -4.12 -6.02
CA GLY A 297 -2.79 -3.11 -5.06
C GLY A 297 -1.70 -2.20 -4.57
N GLU A 298 -0.42 -2.58 -4.83
CA GLU A 298 0.73 -1.70 -4.66
C GLU A 298 1.73 -2.06 -5.75
N TRP A 299 2.32 -1.01 -6.31
CA TRP A 299 3.38 -1.05 -7.32
C TRP A 299 3.87 0.40 -7.42
N THR A 300 4.97 0.67 -8.11
CA THR A 300 5.45 2.01 -8.12
C THR A 300 6.26 2.30 -9.37
N GLY A 301 6.75 3.54 -9.45
CA GLY A 301 7.56 3.98 -10.55
C GLY A 301 9.05 3.83 -10.34
N ALA A 302 9.49 3.80 -9.09
CA ALA A 302 10.88 3.57 -8.73
C ALA A 302 11.31 2.15 -9.13
N VAL A 303 12.62 2.03 -9.47
CA VAL A 303 13.21 0.73 -9.73
C VAL A 303 14.37 0.45 -8.77
N THR A 304 14.64 1.35 -7.83
CA THR A 304 15.68 1.12 -6.82
C THR A 304 15.05 1.23 -5.46
N ASP A 305 15.78 0.82 -4.46
CA ASP A 305 15.42 0.96 -3.06
C ASP A 305 16.22 2.05 -2.38
N CYS A 306 16.57 3.08 -3.14
CA CYS A 306 17.31 4.21 -2.61
C CYS A 306 16.53 5.15 -1.70
N ALA A 307 15.20 5.20 -1.83
CA ALA A 307 14.48 6.18 -1.03
C ALA A 307 14.87 6.12 0.44
N LYS A 308 15.05 7.31 1.05
CA LYS A 308 15.46 7.39 2.44
C LYS A 308 14.57 6.58 3.34
N TYR A 309 15.09 5.62 4.11
CA TYR A 309 14.36 4.82 5.08
C TYR A 309 13.46 3.77 4.47
N LEU A 310 13.51 3.57 3.15
CA LEU A 310 12.59 2.61 2.56
C LEU A 310 12.66 1.24 3.19
N ASN A 311 13.90 0.78 3.53
CA ASN A 311 14.07 -0.56 4.09
C ASN A 311 13.99 -0.53 5.62
N GLY A 312 13.55 0.61 6.16
CA GLY A 312 13.45 0.83 7.59
C GLY A 312 14.43 1.94 7.95
N LYS A 313 14.04 2.78 8.90
CA LYS A 313 14.90 3.85 9.36
C LYS A 313 16.08 3.20 10.06
N GLY A 314 17.28 3.56 9.59
CA GLY A 314 18.53 3.00 10.11
C GLY A 314 19.04 1.85 9.26
N ASN A 315 18.32 1.42 8.24
CA ASN A 315 18.78 0.42 7.30
C ASN A 315 19.10 1.10 5.97
N GLY A 316 20.08 0.56 5.26
CA GLY A 316 20.50 1.11 4.00
C GLY A 316 19.76 0.50 2.82
N ALA A 317 20.42 0.52 1.66
CA ALA A 317 19.83 0.16 0.40
C ALA A 317 20.58 -0.95 -0.30
N ARG A 318 19.87 -1.87 -0.91
CA ARG A 318 20.50 -2.87 -1.76
C ARG A 318 21.28 -2.19 -2.90
N TYR A 319 20.66 -1.16 -3.49
CA TYR A 319 21.14 -0.62 -4.75
C TYR A 319 22.58 -0.12 -4.66
N ASP A 320 22.93 0.49 -3.53
CA ASP A 320 24.25 1.04 -3.38
C ASP A 320 25.11 0.19 -2.45
N GLY A 321 24.71 -1.05 -2.21
CA GLY A 321 25.55 -1.95 -1.43
C GLY A 321 25.48 -1.78 0.07
N SER A 322 24.54 -1.01 0.61
CA SER A 322 24.52 -0.72 2.04
C SER A 322 23.41 -1.51 2.77
N TYR A 323 22.87 -2.53 2.13
CA TYR A 323 21.92 -3.46 2.72
C TYR A 323 22.34 -4.89 2.42
N ALA A 324 22.36 -5.72 3.45
CA ALA A 324 22.52 -7.17 3.34
C ALA A 324 23.81 -7.61 2.65
N ALA A 325 24.84 -6.76 2.63
CA ALA A 325 26.11 -7.08 1.96
C ALA A 325 25.92 -7.29 0.45
N ASP A 326 24.85 -6.74 -0.11
CA ASP A 326 24.67 -6.76 -1.54
C ASP A 326 25.78 -5.98 -2.21
N LYS A 327 26.06 -6.37 -3.44
CA LYS A 327 27.06 -5.68 -4.26
C LYS A 327 26.40 -4.48 -4.91
N ALA A 328 27.00 -3.30 -4.74
CA ALA A 328 26.45 -2.07 -5.27
C ALA A 328 26.28 -2.19 -6.78
N ILE A 329 25.13 -1.74 -7.25
CA ILE A 329 24.84 -1.56 -8.65
C ILE A 329 25.10 -0.13 -9.06
N GLY A 330 24.76 0.80 -8.18
CA GLY A 330 24.84 2.21 -8.51
C GLY A 330 24.88 3.00 -7.22
N ASP A 331 24.75 4.31 -7.32
CA ASP A 331 24.69 5.17 -6.14
C ASP A 331 23.24 5.61 -5.91
N CYS A 332 22.95 5.98 -4.66
CA CYS A 332 21.61 6.40 -4.26
C CYS A 332 21.49 7.92 -4.10
N SER A 333 22.50 8.66 -4.56
CA SER A 333 22.66 10.11 -4.40
C SER A 333 21.49 10.92 -4.96
N SER A 334 20.94 10.47 -6.07
CA SER A 334 19.90 11.19 -6.76
C SER A 334 18.52 10.67 -6.38
N LEU A 335 18.37 9.38 -6.08
CA LEU A 335 17.08 8.75 -6.01
C LEU A 335 16.61 8.63 -4.56
N ALA A 336 17.41 9.08 -3.59
CA ALA A 336 17.04 8.92 -2.19
C ALA A 336 15.96 9.90 -1.73
N THR A 337 16.02 11.12 -2.23
CA THR A 337 15.13 12.18 -1.75
C THR A 337 14.83 13.10 -2.92
N GLY A 338 13.89 13.99 -2.69
CA GLY A 338 13.57 15.01 -3.70
C GLY A 338 12.49 14.60 -4.70
N PHE A 339 12.45 15.33 -5.79
CA PHE A 339 11.32 15.37 -6.71
C PHE A 339 11.85 15.13 -8.10
N VAL A 340 11.07 14.53 -8.99
CA VAL A 340 11.62 14.06 -10.25
C VAL A 340 12.07 15.16 -11.19
N SER A 341 11.72 16.42 -10.92
CA SER A 341 12.32 17.53 -11.65
C SER A 341 13.86 17.55 -11.54
N LYS A 342 14.44 16.89 -10.53
CA LYS A 342 15.89 16.90 -10.30
C LYS A 342 16.57 15.98 -11.30
N LEU A 343 15.83 15.04 -11.90
CA LEU A 343 16.38 14.02 -12.76
C LEU A 343 16.59 14.57 -14.18
N SER A 344 17.18 13.76 -15.04
CA SER A 344 17.30 14.12 -16.45
C SER A 344 16.03 13.75 -17.21
N ASP A 345 15.88 14.30 -18.42
CA ASP A 345 14.86 13.90 -19.37
C ASP A 345 14.90 12.40 -19.59
N GLU A 346 16.07 11.80 -19.76
CA GLU A 346 16.18 10.37 -20.04
C GLU A 346 15.71 9.56 -18.84
N GLU A 347 16.04 10.02 -17.63
CA GLU A 347 15.65 9.30 -16.42
C GLU A 347 14.13 9.36 -16.24
N ARG A 348 13.52 10.53 -16.48
CA ARG A 348 12.07 10.63 -16.46
C ARG A 348 11.45 9.77 -17.54
N SER A 349 12.04 9.75 -18.72
CA SER A 349 11.50 8.98 -19.82
C SER A 349 11.49 7.47 -19.49
N ASP A 350 12.60 6.97 -18.96
CA ASP A 350 12.66 5.58 -18.54
C ASP A 350 11.67 5.26 -17.42
N MET A 351 11.50 6.20 -16.50
CA MET A 351 10.53 6.02 -15.45
C MET A 351 9.14 5.90 -16.05
N ARG A 352 8.80 6.78 -17.00
CA ARG A 352 7.49 6.72 -17.63
C ARG A 352 7.34 5.42 -18.41
N ARG A 353 8.39 4.95 -19.10
CA ARG A 353 8.31 3.69 -19.82
C ARG A 353 7.91 2.54 -18.89
N PHE A 354 8.50 2.52 -17.70
CA PHE A 354 8.25 1.48 -16.73
C PHE A 354 6.82 1.59 -16.20
N ILE A 355 6.37 2.84 -15.99
CA ILE A 355 5.01 3.06 -15.53
C ILE A 355 4.01 2.62 -16.59
N GLU A 356 4.17 3.07 -17.84
CA GLU A 356 3.23 2.68 -18.88
C GLU A 356 3.15 1.17 -19.02
N ALA A 357 4.29 0.47 -18.96
CA ALA A 357 4.28 -0.97 -19.10
C ALA A 357 3.44 -1.59 -17.99
N GLN A 358 3.61 -1.09 -16.76
CA GLN A 358 2.81 -1.58 -15.64
C GLN A 358 1.34 -1.30 -15.82
N LEU A 359 0.97 -0.09 -16.24
CA LEU A 359 -0.46 0.18 -16.45
C LEU A 359 -1.06 -0.85 -17.44
N ASP A 360 -0.39 -1.07 -18.56
CA ASP A 360 -0.95 -1.91 -19.59
C ASP A 360 -0.91 -3.38 -19.16
N ALA A 361 0.15 -3.80 -18.47
CA ALA A 361 0.25 -5.18 -17.99
C ALA A 361 -0.84 -5.48 -16.96
N PHE A 362 -1.01 -4.56 -16.02
CA PHE A 362 -1.90 -4.79 -14.89
C PHE A 362 -3.37 -4.68 -15.31
N GLU A 363 -3.62 -3.92 -16.38
CA GLU A 363 -4.96 -3.87 -16.94
C GLU A 363 -5.28 -5.09 -17.80
N LEU A 364 -4.34 -6.01 -18.01
CA LEU A 364 -4.69 -7.29 -18.61
C LEU A 364 -5.57 -8.10 -17.69
N LYS A 365 -5.44 -7.88 -16.38
CA LYS A 365 -6.22 -8.59 -15.37
C LYS A 365 -7.28 -7.62 -14.88
N SER A 366 -7.18 -7.08 -13.68
CA SER A 366 -8.25 -6.33 -13.05
C SER A 366 -7.85 -4.91 -12.72
N GLY A 367 -6.60 -4.52 -12.96
CA GLY A 367 -6.15 -3.18 -12.72
C GLY A 367 -5.15 -3.10 -11.59
N TRP A 368 -5.07 -1.88 -11.06
CA TRP A 368 -3.86 -1.48 -10.36
C TRP A 368 -4.12 -0.32 -9.40
N VAL A 369 -3.26 -0.24 -8.37
CA VAL A 369 -3.34 0.81 -7.39
C VAL A 369 -1.91 1.24 -7.04
N PHE A 370 -1.49 2.42 -7.47
CA PHE A 370 -0.11 2.86 -7.34
C PHE A 370 0.15 3.16 -5.86
N TRP A 371 1.40 2.86 -5.43
CA TRP A 371 1.92 3.27 -4.12
C TRP A 371 3.00 4.33 -4.36
N THR A 372 2.81 5.59 -3.99
CA THR A 372 1.75 6.14 -3.15
C THR A 372 1.44 7.52 -3.71
N TRP A 373 0.40 8.18 -3.14
CA TRP A 373 -0.03 9.48 -3.61
C TRP A 373 0.96 10.60 -3.33
N LYS A 374 1.55 10.58 -2.13
CA LYS A 374 2.29 11.71 -1.60
C LYS A 374 3.35 11.25 -0.61
N THR A 375 4.48 11.97 -0.69
CA THR A 375 5.66 11.71 0.15
C THR A 375 6.27 13.05 0.50
N GLU A 376 7.40 13.02 1.21
CA GLU A 376 8.25 14.19 1.38
C GLU A 376 9.34 14.29 0.33
N GLY A 377 9.29 13.44 -0.68
CA GLY A 377 10.18 13.47 -1.82
C GLY A 377 10.94 12.15 -1.89
N ALA A 378 10.40 11.21 -2.68
CA ALA A 378 10.98 9.89 -2.86
C ALA A 378 10.86 9.59 -4.33
N PRO A 379 11.87 9.93 -5.14
CA PRO A 379 11.71 9.89 -6.58
C PRO A 379 11.15 8.56 -7.09
N GLY A 380 10.10 8.69 -7.91
CA GLY A 380 9.45 7.55 -8.52
C GLY A 380 8.28 6.99 -7.72
N TRP A 381 8.17 7.37 -6.43
CA TRP A 381 7.17 6.81 -5.53
C TRP A 381 5.94 7.69 -5.33
N ASP A 382 5.95 8.90 -5.87
CA ASP A 382 5.01 9.93 -5.45
C ASP A 382 4.17 10.33 -6.64
N MET A 383 2.93 9.82 -6.69
CA MET A 383 2.10 10.06 -7.85
C MET A 383 1.83 11.55 -8.04
N SER A 384 1.62 12.26 -6.94
CA SER A 384 1.31 13.69 -7.08
C SER A 384 2.44 14.43 -7.79
N ASP A 385 3.68 14.01 -7.50
CA ASP A 385 4.86 14.55 -8.16
C ASP A 385 4.85 14.10 -9.62
N LEU A 386 4.70 12.79 -9.85
CA LEU A 386 4.85 12.27 -11.20
C LEU A 386 3.80 12.81 -12.15
N LEU A 387 2.59 13.05 -11.64
CA LEU A 387 1.55 13.63 -12.48
C LEU A 387 1.95 15.04 -12.93
N GLU A 388 2.40 15.88 -12.00
CA GLU A 388 2.76 17.25 -12.33
C GLU A 388 3.93 17.27 -13.30
N ALA A 389 4.85 16.29 -13.16
CA ALA A 389 6.03 16.19 -13.99
C ALA A 389 5.74 15.61 -15.38
N GLY A 390 4.52 15.13 -15.63
CA GLY A 390 4.22 14.55 -16.92
C GLY A 390 4.72 13.13 -17.07
N VAL A 391 5.08 12.49 -15.94
CA VAL A 391 5.60 11.14 -15.96
C VAL A 391 4.50 10.09 -15.81
N PHE A 392 3.44 10.44 -15.08
CA PHE A 392 2.35 9.50 -14.82
C PHE A 392 1.26 9.74 -15.84
N PRO A 393 0.85 8.73 -16.64
CA PRO A 393 -0.25 8.91 -17.59
C PRO A 393 -1.60 9.19 -16.93
N THR A 394 -2.48 9.89 -17.65
CA THR A 394 -3.77 10.31 -17.10
C THR A 394 -4.98 9.61 -17.73
N SER A 395 -4.72 8.60 -18.57
CA SER A 395 -5.76 7.81 -19.18
C SER A 395 -5.13 6.60 -19.86
N PRO A 396 -5.91 5.57 -20.22
CA PRO A 396 -5.35 4.45 -20.97
C PRO A 396 -4.81 4.86 -22.34
N ASP A 397 -5.32 5.96 -22.89
CA ASP A 397 -4.87 6.40 -24.19
C ASP A 397 -3.65 7.33 -24.14
N ASP A 398 -3.26 7.76 -22.94
CA ASP A 398 -2.14 8.64 -22.76
C ASP A 398 -0.86 7.82 -22.71
N ARG A 399 -0.27 7.58 -23.87
CA ARG A 399 0.89 6.73 -24.01
C ARG A 399 1.90 7.41 -24.91
N GLU A 400 3.09 7.56 -24.35
CA GLU A 400 4.23 8.10 -25.09
C GLU A 400 5.07 7.01 -25.76
N PHE A 401 4.91 5.75 -25.35
CA PHE A 401 5.69 4.66 -25.86
C PHE A 401 4.73 3.59 -26.36
N PRO A 402 5.16 2.71 -27.28
CA PRO A 402 4.31 1.62 -27.71
C PRO A 402 3.84 0.78 -26.54
N LYS A 403 2.67 0.18 -26.71
CA LYS A 403 2.09 -0.67 -25.70
C LYS A 403 2.96 -1.92 -25.50
N GLN A 404 3.23 -2.21 -24.24
CA GLN A 404 4.05 -3.34 -23.89
C GLN A 404 3.13 -4.49 -23.51
N CYS A 405 3.71 -5.69 -23.45
CA CYS A 405 3.02 -6.91 -22.99
C CYS A 405 1.89 -7.32 -23.95
#